data_5HX6
#
_entry.id   5HX6
#
_cell.length_a   42.600
_cell.length_b   101.350
_cell.length_c   131.060
_cell.angle_alpha   90.00
_cell.angle_beta   90.00
_cell.angle_gamma   90.00
#
_symmetry.space_group_name_H-M   'P 21 21 21'
#
loop_
_entity.id
_entity.type
_entity.pdbx_description
1 polymer 'Receptor-interacting serine/threonine-protein kinase 1'
2 non-polymer 5-benzyl-N-[(3S)-5-methyl-4-oxo-2,3,4,5-tetrahydro-1,5-benzoxazepin-3-yl]-1,2-oxazole-3-carboxamide
3 water water
#
_entity_poly.entity_id   1
_entity_poly.type   'polypeptide(L)'
_entity_poly.pdbx_seq_one_letter_code
;MDYKDDDDKMQPDMSLNVIKMKSSDFLESAELDSGGFGKVSLAFHRTQGLMIMKTVYKGPNCIEHNEALLEEAKMMNRLR
HSRVVKLLGVIIEEGKYSLVMEYMEKGNLMHVLKAEMSTPLSVKGRIILEIIEGMAYLHGKGVIHKDLKPENILVDNDFH
IKIADLGLASFKMWSKLNNEEHNELREVDGTAKKNGGTLYYMAPEHLNDVNAKPTEKSDVYSFAVVLWAIFANKEPYENA
IAEQQLIMAIKSGNRPDVDDITEYCPREIISLMKLCWEANPEARPTFPGIEEKFRPFYLSQLE
;
_entity_poly.pdbx_strand_id   A,B
#
loop_
_chem_comp.id
_chem_comp.type
_chem_comp.name
_chem_comp.formula
65U non-polymer 5-benzyl-N-[(3S)-5-methyl-4-oxo-2,3,4,5-tetrahydro-1,5-benzoxazepin-3-yl]-1,2-oxazole-3-carboxamide 'C21 H19 N3 O4'
#
# COMPACT_ATOMS: atom_id res chain seq x y z
N ILE A 19 -0.90 3.89 -23.41
CA ILE A 19 -0.77 2.47 -23.70
C ILE A 19 0.07 2.23 -24.97
N LYS A 20 -0.27 2.91 -26.07
CA LYS A 20 0.45 2.77 -27.34
C LYS A 20 1.85 3.40 -27.26
N MET A 21 2.82 2.78 -27.94
CA MET A 21 4.20 3.25 -27.99
C MET A 21 4.88 2.88 -29.31
N LYS A 22 5.99 3.56 -29.62
CA LYS A 22 6.81 3.34 -30.83
C LYS A 22 8.24 2.98 -30.43
N SER A 23 8.97 2.31 -31.34
CA SER A 23 10.39 1.99 -31.12
C SER A 23 11.27 3.27 -31.26
N SER A 24 10.74 4.32 -31.96
CA SER A 24 11.43 5.61 -32.13
C SER A 24 11.62 6.33 -30.78
N ASP A 25 10.70 6.12 -29.82
CA ASP A 25 10.75 6.69 -28.46
C ASP A 25 11.99 6.21 -27.68
N PHE A 26 12.58 5.07 -28.06
CA PHE A 26 13.73 4.48 -27.38
C PHE A 26 15.06 4.93 -27.99
N LEU A 27 15.82 5.73 -27.24
CA LEU A 27 17.12 6.28 -27.63
C LEU A 27 18.19 5.19 -27.84
N GLU A 28 18.14 4.11 -27.02
CA GLU A 28 19.08 2.99 -27.09
C GLU A 28 18.47 1.72 -26.50
N SER A 29 19.05 0.53 -26.83
CA SER A 29 18.57 -0.76 -26.34
C SER A 29 19.68 -1.78 -26.15
N ALA A 30 19.33 -2.94 -25.56
CA ALA A 30 20.27 -4.02 -25.28
C ALA A 30 19.52 -5.33 -24.95
N GLU A 31 19.70 -6.38 -25.79
CA GLU A 31 19.02 -7.65 -25.59
C GLU A 31 19.67 -8.49 -24.45
N LEU A 32 18.83 -9.19 -23.66
CA LEU A 32 19.26 -10.07 -22.57
C LEU A 32 18.32 -11.28 -22.47
N ASP A 33 18.84 -12.42 -21.96
CA ASP A 33 18.08 -13.65 -21.80
C ASP A 33 18.19 -14.13 -20.35
N SER A 34 17.06 -14.11 -19.61
CA SER A 34 17.02 -14.50 -18.19
C SER A 34 16.31 -15.84 -17.98
N GLY A 38 11.81 -15.92 -21.83
CA GLY A 38 12.60 -16.19 -23.02
C GLY A 38 13.71 -15.20 -23.25
N LYS A 39 13.50 -14.23 -24.17
CA LYS A 39 14.45 -13.18 -24.50
C LYS A 39 13.75 -11.82 -24.42
N VAL A 40 14.47 -10.79 -23.94
CA VAL A 40 13.92 -9.46 -23.74
C VAL A 40 14.92 -8.40 -24.15
N SER A 41 14.46 -7.14 -24.28
CA SER A 41 15.31 -6.00 -24.61
C SER A 41 15.18 -4.93 -23.52
N LEU A 42 16.31 -4.50 -22.94
CA LEU A 42 16.33 -3.43 -21.95
C LEU A 42 16.52 -2.14 -22.74
N ALA A 43 15.45 -1.39 -22.98
CA ALA A 43 15.49 -0.19 -23.79
C ALA A 43 15.36 1.08 -22.96
N PHE A 44 16.18 2.12 -23.29
CA PHE A 44 16.13 3.42 -22.62
C PHE A 44 15.19 4.33 -23.42
N HIS A 45 14.07 4.70 -22.80
CA HIS A 45 13.01 5.55 -23.36
C HIS A 45 13.41 7.02 -23.19
N ARG A 46 13.18 7.86 -24.23
CA ARG A 46 13.49 9.31 -24.28
C ARG A 46 13.33 10.06 -22.95
N THR A 47 12.08 10.10 -22.44
CA THR A 47 11.70 10.84 -21.23
C THR A 47 11.47 9.98 -19.97
N GLN A 48 10.98 8.75 -20.13
CA GLN A 48 10.67 7.87 -18.99
C GLN A 48 11.88 7.06 -18.46
N GLY A 49 12.87 6.78 -19.31
CA GLY A 49 14.06 6.05 -18.91
C GLY A 49 14.02 4.56 -19.22
N LEU A 50 14.66 3.74 -18.39
CA LEU A 50 14.74 2.31 -18.68
C LEU A 50 13.42 1.54 -18.50
N MET A 51 13.23 0.56 -19.40
CA MET A 51 12.06 -0.30 -19.54
C MET A 51 12.48 -1.63 -20.14
N ILE A 52 11.77 -2.70 -19.81
CA ILE A 52 12.01 -4.02 -20.36
C ILE A 52 10.98 -4.21 -21.49
N MET A 53 11.40 -4.88 -22.59
CA MET A 53 10.55 -5.11 -23.76
C MET A 53 10.62 -6.59 -24.18
N LYS A 54 9.48 -7.22 -24.50
CA LYS A 54 9.44 -8.62 -24.94
C LYS A 54 8.48 -8.79 -26.11
N THR A 55 9.00 -9.16 -27.29
CA THR A 55 8.16 -9.36 -28.47
C THR A 55 7.42 -10.69 -28.32
N VAL A 56 6.08 -10.62 -28.34
CA VAL A 56 5.21 -11.77 -28.16
C VAL A 56 5.16 -12.61 -29.44
N TYR A 57 4.89 -11.99 -30.60
CA TYR A 57 4.86 -12.72 -31.88
C TYR A 57 5.14 -11.85 -33.10
N LYS A 58 5.73 -12.47 -34.13
CA LYS A 58 6.09 -11.85 -35.41
C LYS A 58 5.36 -12.60 -36.55
N GLY A 59 4.90 -11.83 -37.55
CA GLY A 59 4.19 -12.39 -38.69
C GLY A 59 3.19 -11.39 -39.26
N PRO A 60 1.98 -11.84 -39.69
CA PRO A 60 1.00 -10.88 -40.23
C PRO A 60 0.18 -10.15 -39.17
N ASN A 61 -0.35 -8.96 -39.51
CA ASN A 61 -1.18 -8.15 -38.61
C ASN A 61 -2.62 -8.69 -38.62
N CYS A 62 -3.09 -9.21 -37.47
CA CYS A 62 -4.44 -9.79 -37.35
C CYS A 62 -5.56 -8.73 -37.33
N ILE A 63 -6.82 -9.21 -37.43
CA ILE A 63 -8.04 -8.39 -37.45
C ILE A 63 -9.06 -8.84 -36.37
N GLU A 64 -9.28 -10.15 -36.20
CA GLU A 64 -10.25 -10.70 -35.24
C GLU A 64 -9.94 -10.34 -33.78
N HIS A 65 -8.65 -10.37 -33.38
CA HIS A 65 -8.24 -10.11 -31.99
C HIS A 65 -7.31 -8.89 -31.80
N ASN A 66 -7.00 -8.10 -32.86
CA ASN A 66 -6.12 -6.94 -32.70
C ASN A 66 -6.70 -5.82 -31.81
N GLU A 67 -8.01 -5.60 -31.89
CA GLU A 67 -8.70 -4.57 -31.10
C GLU A 67 -8.70 -4.87 -29.59
N ALA A 68 -8.84 -6.15 -29.22
CA ALA A 68 -8.89 -6.58 -27.81
C ALA A 68 -7.52 -6.52 -27.09
N LEU A 69 -6.41 -6.75 -27.82
CA LEU A 69 -5.05 -6.73 -27.24
C LEU A 69 -4.68 -5.36 -26.64
N LEU A 70 -5.22 -4.27 -27.20
CA LEU A 70 -5.01 -2.91 -26.69
C LEU A 70 -5.88 -2.66 -25.44
N GLU A 71 -7.10 -3.23 -25.39
CA GLU A 71 -8.01 -3.13 -24.24
C GLU A 71 -7.43 -3.92 -23.06
N GLU A 72 -6.94 -5.15 -23.32
CA GLU A 72 -6.33 -5.99 -22.29
C GLU A 72 -5.11 -5.32 -21.65
N ALA A 73 -4.31 -4.57 -22.43
CA ALA A 73 -3.14 -3.85 -21.92
C ALA A 73 -3.57 -2.70 -21.01
N LYS A 74 -4.60 -1.90 -21.42
CA LYS A 74 -5.11 -0.80 -20.57
C LYS A 74 -5.76 -1.35 -19.27
N MET A 75 -6.23 -2.61 -19.28
CA MET A 75 -6.80 -3.25 -18.08
C MET A 75 -5.66 -3.59 -17.07
N MET A 76 -4.50 -4.07 -17.59
CA MET A 76 -3.33 -4.43 -16.76
C MET A 76 -2.53 -3.20 -16.38
N ASN A 77 -2.50 -2.19 -17.27
CA ASN A 77 -1.82 -0.92 -17.02
C ASN A 77 -2.40 -0.19 -15.80
N ARG A 78 -3.72 -0.37 -15.55
CA ARG A 78 -4.42 0.26 -14.43
C ARG A 78 -4.31 -0.55 -13.10
N LEU A 79 -3.48 -1.63 -13.06
CA LEU A 79 -3.16 -2.39 -11.85
C LEU A 79 -1.93 -1.67 -11.29
N ARG A 80 -2.20 -0.61 -10.51
CA ARG A 80 -1.19 0.30 -10.00
C ARG A 80 -0.96 0.13 -8.52
N HIS A 81 0.10 -0.59 -8.19
CA HIS A 81 0.49 -0.84 -6.80
C HIS A 81 1.99 -0.96 -6.74
N SER A 82 2.61 -0.49 -5.65
CA SER A 82 4.06 -0.53 -5.47
C SER A 82 4.64 -1.95 -5.58
N ARG A 83 3.91 -2.97 -5.13
CA ARG A 83 4.39 -4.36 -5.18
C ARG A 83 3.87 -5.18 -6.34
N VAL A 84 3.36 -4.52 -7.40
CA VAL A 84 2.85 -5.18 -8.60
C VAL A 84 3.54 -4.54 -9.78
N VAL A 85 4.05 -5.40 -10.73
CA VAL A 85 4.76 -4.93 -11.93
C VAL A 85 3.80 -4.09 -12.79
N LYS A 86 4.26 -2.94 -13.27
CA LYS A 86 3.45 -2.04 -14.09
C LYS A 86 3.71 -2.31 -15.58
N LEU A 87 2.64 -2.54 -16.35
CA LEU A 87 2.72 -2.63 -17.81
C LEU A 87 2.76 -1.18 -18.26
N LEU A 88 3.89 -0.75 -18.82
CA LEU A 88 4.12 0.62 -19.22
C LEU A 88 3.49 0.92 -20.60
N GLY A 89 3.44 -0.08 -21.46
CA GLY A 89 2.78 0.09 -22.74
C GLY A 89 2.92 -1.09 -23.69
N VAL A 90 2.44 -0.89 -24.92
CA VAL A 90 2.45 -1.89 -26.00
C VAL A 90 2.99 -1.25 -27.28
N ILE A 91 3.74 -2.03 -28.07
CA ILE A 91 4.31 -1.55 -29.34
C ILE A 91 3.81 -2.44 -30.48
N ILE A 92 3.07 -1.84 -31.43
CA ILE A 92 2.54 -2.51 -32.62
C ILE A 92 3.08 -1.75 -33.83
N GLU A 93 3.85 -2.42 -34.71
CA GLU A 93 4.43 -1.79 -35.89
C GLU A 93 4.98 -2.84 -36.87
N GLU A 94 4.50 -2.80 -38.14
CA GLU A 94 4.83 -3.71 -39.24
C GLU A 94 4.81 -5.22 -38.83
N GLY A 95 3.65 -5.67 -38.39
CA GLY A 95 3.40 -7.07 -38.02
C GLY A 95 4.13 -7.61 -36.80
N LYS A 96 4.51 -6.73 -35.86
CA LYS A 96 5.19 -7.11 -34.62
C LYS A 96 4.34 -6.65 -33.44
N TYR A 97 4.31 -7.43 -32.35
CA TYR A 97 3.51 -7.15 -31.16
C TYR A 97 4.37 -7.33 -29.90
N SER A 98 4.66 -6.23 -29.17
CA SER A 98 5.50 -6.26 -27.96
C SER A 98 4.87 -5.57 -26.75
N LEU A 99 5.18 -6.07 -25.54
CA LEU A 99 4.72 -5.54 -24.27
C LEU A 99 5.89 -4.82 -23.61
N VAL A 100 5.64 -3.71 -22.92
CA VAL A 100 6.71 -2.92 -22.29
C VAL A 100 6.45 -2.82 -20.78
N MET A 101 7.33 -3.38 -19.92
CA MET A 101 7.17 -3.26 -18.47
C MET A 101 8.30 -2.47 -17.82
N GLU A 102 8.17 -2.19 -16.52
CA GLU A 102 9.21 -1.49 -15.80
C GLU A 102 10.38 -2.40 -15.52
N TYR A 103 11.58 -1.83 -15.47
CA TYR A 103 12.80 -2.58 -15.26
C TYR A 103 13.03 -2.86 -13.78
N MET A 104 13.30 -4.12 -13.44
CA MET A 104 13.63 -4.58 -12.08
C MET A 104 15.06 -5.10 -12.18
N GLU A 105 16.00 -4.31 -11.65
CA GLU A 105 17.47 -4.47 -11.79
C GLU A 105 18.06 -5.83 -11.33
N LYS A 106 17.53 -6.49 -10.28
CA LYS A 106 18.12 -7.74 -9.80
C LYS A 106 17.44 -9.00 -10.33
N GLY A 107 16.56 -8.85 -11.30
CA GLY A 107 15.92 -10.01 -11.92
C GLY A 107 14.83 -10.56 -11.04
N ASN A 108 14.81 -11.88 -10.83
CA ASN A 108 13.75 -12.55 -10.08
C ASN A 108 14.22 -13.06 -8.72
N LEU A 109 13.27 -13.36 -7.84
CA LEU A 109 13.53 -13.81 -6.49
C LEU A 109 14.53 -14.97 -6.39
N MET A 110 14.39 -15.98 -7.26
CA MET A 110 15.29 -17.14 -7.24
C MET A 110 16.73 -16.80 -7.66
N HIS A 111 16.91 -15.82 -8.55
CA HIS A 111 18.22 -15.33 -8.97
C HIS A 111 18.89 -14.67 -7.73
N VAL A 112 18.11 -13.87 -7.00
CA VAL A 112 18.57 -13.16 -5.81
C VAL A 112 18.90 -14.14 -4.68
N LEU A 113 18.09 -15.17 -4.50
CA LEU A 113 18.26 -16.18 -3.45
C LEU A 113 19.44 -17.13 -3.67
N LYS A 114 19.86 -17.34 -4.92
CA LYS A 114 20.97 -18.25 -5.23
C LYS A 114 22.32 -17.52 -5.39
N ALA A 115 22.40 -16.24 -4.96
CA ALA A 115 23.62 -15.44 -5.04
C ALA A 115 24.69 -15.91 -4.04
N GLU A 116 25.92 -15.37 -4.18
CA GLU A 116 27.05 -15.71 -3.30
C GLU A 116 26.71 -15.37 -1.85
N MET A 117 26.32 -14.11 -1.59
CA MET A 117 25.96 -13.67 -0.23
C MET A 117 24.53 -14.06 0.11
N SER A 118 24.31 -14.40 1.38
CA SER A 118 23.00 -14.78 1.87
C SER A 118 22.22 -13.48 2.09
N THR A 119 20.95 -13.45 1.71
CA THR A 119 20.13 -12.24 1.91
C THR A 119 19.79 -12.20 3.41
N PRO A 120 19.89 -11.04 4.09
CA PRO A 120 19.53 -11.01 5.53
C PRO A 120 18.11 -11.50 5.85
N LEU A 121 17.87 -11.97 7.06
CA LEU A 121 16.55 -12.41 7.46
C LEU A 121 15.57 -11.21 7.45
N SER A 122 16.04 -9.99 7.76
CA SER A 122 15.21 -8.77 7.77
C SER A 122 14.71 -8.44 6.36
N VAL A 123 15.55 -8.64 5.34
CA VAL A 123 15.23 -8.39 3.95
C VAL A 123 14.26 -9.50 3.43
N LYS A 124 14.46 -10.75 3.84
CA LYS A 124 13.59 -11.87 3.46
C LYS A 124 12.19 -11.71 4.06
N GLY A 125 12.13 -11.25 5.31
CA GLY A 125 10.91 -10.93 6.02
C GLY A 125 10.17 -9.81 5.33
N ARG A 126 10.92 -8.82 4.81
CA ARG A 126 10.35 -7.72 4.04
C ARG A 126 9.83 -8.18 2.67
N ILE A 127 10.56 -9.03 1.97
CA ILE A 127 10.11 -9.59 0.69
C ILE A 127 8.77 -10.27 0.91
N ILE A 128 8.67 -11.14 1.92
CA ILE A 128 7.45 -11.87 2.29
C ILE A 128 6.27 -10.91 2.48
N LEU A 129 6.46 -9.84 3.28
CA LEU A 129 5.42 -8.86 3.51
C LEU A 129 5.04 -8.12 2.22
N GLU A 130 5.98 -7.83 1.36
CA GLU A 130 5.70 -7.18 0.10
C GLU A 130 4.94 -8.06 -0.88
N ILE A 131 5.21 -9.39 -0.88
CA ILE A 131 4.46 -10.33 -1.70
C ILE A 131 3.01 -10.38 -1.12
N ILE A 132 2.83 -10.35 0.22
CA ILE A 132 1.50 -10.35 0.84
C ILE A 132 0.75 -9.08 0.43
N GLU A 133 1.37 -7.89 0.57
CA GLU A 133 0.76 -6.62 0.19
C GLU A 133 0.28 -6.67 -1.26
N GLY A 134 1.17 -7.07 -2.17
CA GLY A 134 0.88 -7.14 -3.59
C GLY A 134 -0.21 -8.12 -3.97
N MET A 135 -0.28 -9.26 -3.29
CA MET A 135 -1.28 -10.30 -3.54
C MET A 135 -2.62 -9.90 -2.97
N ALA A 136 -2.63 -9.18 -1.85
CA ALA A 136 -3.88 -8.64 -1.30
C ALA A 136 -4.41 -7.60 -2.28
N TYR A 137 -3.53 -6.75 -2.86
CA TYR A 137 -3.99 -5.77 -3.84
C TYR A 137 -4.73 -6.49 -4.99
N LEU A 138 -4.04 -7.43 -5.69
CA LEU A 138 -4.55 -8.21 -6.83
C LEU A 138 -5.88 -8.88 -6.49
N HIS A 139 -5.97 -9.57 -5.33
CA HIS A 139 -7.21 -10.22 -4.92
C HIS A 139 -8.33 -9.20 -4.75
N GLY A 140 -8.07 -8.08 -4.05
CA GLY A 140 -9.01 -6.98 -3.90
C GLY A 140 -9.52 -6.39 -5.20
N LYS A 141 -8.73 -6.44 -6.28
CA LYS A 141 -9.13 -6.01 -7.64
C LYS A 141 -9.78 -7.20 -8.45
N GLY A 142 -10.05 -8.33 -7.79
CA GLY A 142 -10.66 -9.49 -8.42
C GLY A 142 -9.78 -10.30 -9.34
N VAL A 143 -8.45 -10.05 -9.30
CA VAL A 143 -7.47 -10.75 -10.13
C VAL A 143 -6.85 -11.90 -9.34
N ILE A 144 -7.03 -13.15 -9.79
CA ILE A 144 -6.37 -14.32 -9.20
C ILE A 144 -5.11 -14.52 -10.03
N HIS A 145 -3.96 -14.72 -9.36
CA HIS A 145 -2.71 -14.91 -10.08
C HIS A 145 -2.67 -16.25 -10.81
N LYS A 146 -2.90 -17.36 -10.10
CA LYS A 146 -2.84 -18.74 -10.63
C LYS A 146 -1.38 -19.27 -10.94
N ASP A 147 -0.40 -18.38 -11.25
CA ASP A 147 0.96 -18.75 -11.62
C ASP A 147 2.02 -18.05 -10.71
N LEU A 148 1.76 -18.01 -9.38
CA LEU A 148 2.65 -17.34 -8.44
C LEU A 148 3.86 -18.24 -8.14
N LYS A 149 5.05 -17.77 -8.48
CA LYS A 149 6.26 -18.55 -8.24
C LYS A 149 7.44 -17.60 -8.18
N PRO A 150 8.61 -17.99 -7.62
CA PRO A 150 9.75 -17.06 -7.54
C PRO A 150 10.09 -16.33 -8.81
N GLU A 151 9.95 -17.03 -9.94
CA GLU A 151 10.23 -16.51 -11.28
C GLU A 151 9.30 -15.32 -11.63
N ASN A 152 8.08 -15.27 -11.02
CA ASN A 152 7.15 -14.13 -11.22
C ASN A 152 7.24 -13.06 -10.08
N ILE A 153 8.31 -13.06 -9.27
CA ILE A 153 8.53 -12.13 -8.16
C ILE A 153 9.82 -11.45 -8.55
N LEU A 154 9.74 -10.24 -9.08
CA LEU A 154 10.87 -9.50 -9.57
C LEU A 154 11.47 -8.64 -8.48
N VAL A 155 12.81 -8.40 -8.53
CA VAL A 155 13.54 -7.70 -7.48
C VAL A 155 14.33 -6.53 -8.06
N ASP A 156 14.23 -5.34 -7.44
CA ASP A 156 14.97 -4.16 -7.86
C ASP A 156 16.34 -4.12 -7.11
N ASN A 157 17.21 -3.16 -7.39
CA ASN A 157 18.55 -3.12 -6.75
C ASN A 157 18.53 -2.82 -5.24
N ASP A 158 17.40 -2.32 -4.72
CA ASP A 158 17.19 -2.02 -3.30
C ASP A 158 16.50 -3.20 -2.55
N PHE A 159 16.34 -4.40 -3.20
CA PHE A 159 15.71 -5.61 -2.66
C PHE A 159 14.19 -5.47 -2.39
N HIS A 160 13.48 -4.58 -3.08
CA HIS A 160 12.03 -4.47 -2.95
C HIS A 160 11.47 -5.24 -4.12
N ILE A 161 10.34 -5.94 -3.95
CA ILE A 161 9.79 -6.81 -5.01
C ILE A 161 8.53 -6.27 -5.71
N LYS A 162 8.24 -6.86 -6.88
CA LYS A 162 7.06 -6.58 -7.68
C LYS A 162 6.63 -7.91 -8.28
N ILE A 163 5.35 -8.23 -8.12
CA ILE A 163 4.73 -9.46 -8.63
C ILE A 163 4.42 -9.23 -10.08
N ALA A 164 4.87 -10.16 -10.94
CA ALA A 164 4.71 -10.12 -12.40
C ALA A 164 3.83 -11.24 -12.88
N ASP A 165 3.53 -11.22 -14.17
CA ASP A 165 2.80 -12.28 -14.87
C ASP A 165 3.55 -12.56 -16.18
N LEU A 166 4.73 -13.19 -16.06
CA LEU A 166 5.60 -13.46 -17.22
C LEU A 166 5.09 -14.64 -18.09
N GLY A 167 4.30 -15.52 -17.49
CA GLY A 167 3.69 -16.66 -18.16
C GLY A 167 2.33 -16.35 -18.75
N LEU A 168 1.92 -15.05 -18.75
CA LEU A 168 0.68 -14.57 -19.32
C LEU A 168 -0.59 -15.26 -18.79
N ALA A 169 -0.55 -15.79 -17.54
CA ALA A 169 -1.68 -16.47 -16.92
C ALA A 169 -2.95 -15.59 -16.80
N SER A 170 -2.78 -14.27 -16.56
CA SER A 170 -3.88 -13.30 -16.46
C SER A 170 -4.08 -12.53 -17.79
N PHE A 171 -3.16 -12.67 -18.77
CA PHE A 171 -3.24 -12.06 -20.10
C PHE A 171 -3.76 -13.16 -21.07
N LYS A 172 -5.05 -13.52 -20.97
CA LYS A 172 -5.65 -14.56 -21.81
C LYS A 172 -5.64 -14.24 -23.33
N MET A 173 -5.73 -12.95 -23.73
CA MET A 173 -5.65 -12.58 -25.15
C MET A 173 -4.21 -12.72 -25.64
N TRP A 174 -3.25 -12.02 -24.97
CA TRP A 174 -1.82 -12.06 -25.33
C TRP A 174 -1.21 -13.46 -25.20
N SER A 175 -1.78 -14.31 -24.32
CA SER A 175 -1.34 -15.71 -24.21
C SER A 175 -1.72 -16.46 -25.52
N LYS A 176 -2.95 -16.20 -26.05
CA LYS A 176 -3.45 -16.82 -27.29
C LYS A 176 -2.66 -16.37 -28.54
N LEU A 177 -2.02 -15.17 -28.49
CA LEU A 177 -1.19 -14.65 -29.58
C LEU A 177 0.07 -15.53 -29.88
N ASN A 178 0.38 -16.53 -29.02
CA ASN A 178 1.50 -17.45 -29.26
C ASN A 178 1.31 -18.76 -28.45
N GLY A 197 5.61 -23.93 -17.77
CA GLY A 197 5.04 -23.62 -16.46
C GLY A 197 5.50 -24.55 -15.37
N THR A 198 5.33 -24.15 -14.06
CA THR A 198 5.77 -24.95 -12.91
C THR A 198 4.61 -25.47 -12.03
N LEU A 199 4.62 -26.79 -11.77
CA LEU A 199 3.63 -27.52 -10.98
C LEU A 199 3.96 -27.65 -9.51
N TYR A 200 5.17 -27.30 -9.07
CA TYR A 200 5.54 -27.40 -7.64
C TYR A 200 4.83 -26.43 -6.71
N TYR A 201 4.37 -25.29 -7.25
CA TYR A 201 3.63 -24.22 -6.54
C TYR A 201 2.14 -24.36 -6.73
N MET A 202 1.65 -25.34 -7.55
CA MET A 202 0.23 -25.45 -7.89
C MET A 202 -0.53 -26.21 -6.84
N ALA A 203 -1.65 -25.64 -6.39
CA ALA A 203 -2.43 -26.26 -5.33
C ALA A 203 -2.97 -27.63 -5.75
N PRO A 204 -3.08 -28.60 -4.80
CA PRO A 204 -3.55 -29.96 -5.18
C PRO A 204 -4.89 -30.02 -5.87
N GLU A 205 -5.86 -29.19 -5.42
CA GLU A 205 -7.17 -29.12 -6.05
C GLU A 205 -7.11 -28.87 -7.56
N HIS A 206 -6.03 -28.21 -8.08
CA HIS A 206 -5.82 -27.95 -9.51
C HIS A 206 -4.97 -29.02 -10.16
N LEU A 207 -4.24 -29.85 -9.36
CA LEU A 207 -3.49 -30.99 -9.88
C LEU A 207 -4.55 -32.02 -10.21
N ASN A 208 -4.54 -32.52 -11.43
CA ASN A 208 -5.52 -33.50 -11.93
C ASN A 208 -7.02 -33.05 -11.78
N ASP A 209 -7.31 -31.74 -11.92
CA ASP A 209 -8.67 -31.17 -12.01
C ASP A 209 -8.55 -29.79 -12.57
N VAL A 210 -8.23 -29.75 -13.85
CA VAL A 210 -8.01 -28.53 -14.63
C VAL A 210 -9.25 -27.71 -14.88
N ASN A 211 -10.44 -28.21 -14.57
CA ASN A 211 -11.67 -27.44 -14.75
C ASN A 211 -12.07 -26.67 -13.48
N ALA A 212 -11.54 -27.08 -12.30
CA ALA A 212 -11.77 -26.40 -11.01
C ALA A 212 -11.32 -24.97 -11.17
N LYS A 213 -12.20 -24.01 -10.90
CA LYS A 213 -11.88 -22.60 -11.09
C LYS A 213 -10.86 -22.15 -10.03
N PRO A 214 -9.79 -21.47 -10.41
CA PRO A 214 -8.83 -21.00 -9.40
C PRO A 214 -9.42 -19.91 -8.50
N THR A 215 -9.09 -19.97 -7.21
CA THR A 215 -9.57 -19.01 -6.22
C THR A 215 -8.37 -18.35 -5.56
N GLU A 216 -8.67 -17.45 -4.62
CA GLU A 216 -7.69 -16.75 -3.82
C GLU A 216 -6.88 -17.77 -3.04
N LYS A 217 -7.54 -18.88 -2.57
CA LYS A 217 -6.87 -19.94 -1.83
C LYS A 217 -5.88 -20.72 -2.67
N SER A 218 -6.00 -20.66 -4.01
CA SER A 218 -5.05 -21.29 -4.91
C SER A 218 -3.72 -20.60 -4.79
N ASP A 219 -3.74 -19.26 -4.77
CA ASP A 219 -2.53 -18.42 -4.62
C ASP A 219 -1.93 -18.52 -3.22
N VAL A 220 -2.77 -18.67 -2.19
CA VAL A 220 -2.29 -18.85 -0.82
C VAL A 220 -1.39 -20.09 -0.76
N TYR A 221 -1.80 -21.23 -1.39
CA TYR A 221 -0.99 -22.47 -1.46
C TYR A 221 0.37 -22.18 -2.13
N SER A 222 0.38 -21.52 -3.29
CA SER A 222 1.59 -21.17 -4.02
C SER A 222 2.58 -20.30 -3.22
N PHE A 223 2.03 -19.36 -2.41
CA PHE A 223 2.78 -18.43 -1.56
C PHE A 223 3.49 -19.24 -0.48
N ALA A 224 2.79 -20.23 0.07
CA ALA A 224 3.36 -21.17 1.04
C ALA A 224 4.60 -21.87 0.48
N VAL A 225 4.55 -22.29 -0.79
CA VAL A 225 5.68 -22.99 -1.40
C VAL A 225 6.76 -21.95 -1.68
N VAL A 226 6.39 -20.71 -2.09
CA VAL A 226 7.36 -19.60 -2.23
C VAL A 226 8.09 -19.33 -0.84
N LEU A 227 7.36 -19.40 0.31
CA LEU A 227 7.94 -19.19 1.65
C LEU A 227 9.06 -20.18 1.91
N TRP A 228 8.78 -21.46 1.57
CA TRP A 228 9.70 -22.59 1.68
C TRP A 228 10.94 -22.30 0.88
N ALA A 229 10.75 -21.87 -0.37
CA ALA A 229 11.86 -21.57 -1.28
C ALA A 229 12.71 -20.42 -0.81
N ILE A 230 12.13 -19.45 -0.10
CA ILE A 230 12.84 -18.28 0.40
C ILE A 230 13.84 -18.72 1.47
N PHE A 231 13.42 -19.58 2.39
CA PHE A 231 14.29 -20.06 3.47
C PHE A 231 15.15 -21.28 3.11
N ALA A 232 14.72 -22.11 2.14
CA ALA A 232 15.52 -23.24 1.65
C ALA A 232 16.55 -22.74 0.60
N ASN A 233 16.34 -21.54 0.01
CA ASN A 233 17.21 -20.93 -1.00
C ASN A 233 17.29 -21.72 -2.32
N LYS A 234 16.30 -22.60 -2.58
CA LYS A 234 16.27 -23.39 -3.81
C LYS A 234 14.86 -23.76 -4.22
N GLU A 235 14.72 -24.30 -5.44
CA GLU A 235 13.43 -24.77 -5.94
C GLU A 235 13.11 -26.05 -5.21
N PRO A 236 11.83 -26.34 -4.95
CA PRO A 236 11.50 -27.55 -4.18
C PRO A 236 11.53 -28.83 -5.02
N TYR A 237 11.31 -29.96 -4.32
CA TYR A 237 11.21 -31.31 -4.89
C TYR A 237 12.37 -31.72 -5.85
N GLU A 243 6.70 -37.28 -11.47
CA GLU A 243 5.75 -36.45 -12.18
C GLU A 243 4.39 -36.97 -11.86
N GLN A 244 4.09 -38.15 -12.32
CA GLN A 244 2.83 -38.76 -12.01
C GLN A 244 2.95 -39.29 -10.60
N GLN A 245 4.14 -39.75 -10.27
CA GLN A 245 4.40 -40.31 -8.95
C GLN A 245 4.59 -39.23 -7.90
N LEU A 246 4.87 -38.02 -8.35
CA LEU A 246 5.06 -36.90 -7.46
C LEU A 246 3.70 -36.29 -7.20
N ILE A 247 3.09 -35.91 -8.30
CA ILE A 247 1.79 -35.28 -8.32
C ILE A 247 0.78 -36.03 -7.50
N MET A 248 0.91 -37.33 -7.46
CA MET A 248 -0.05 -38.10 -6.75
C MET A 248 0.33 -38.09 -5.32
N ALA A 249 1.60 -37.85 -5.06
CA ALA A 249 2.08 -37.73 -3.66
C ALA A 249 1.56 -36.41 -3.05
N ILE A 250 1.68 -35.29 -3.78
CA ILE A 250 1.19 -33.96 -3.38
C ILE A 250 -0.32 -33.98 -3.07
N LYS A 251 -1.13 -34.67 -3.89
CA LYS A 251 -2.58 -34.76 -3.65
C LYS A 251 -2.96 -35.50 -2.37
N SER A 252 -2.15 -36.48 -1.96
CA SER A 252 -2.40 -37.27 -0.76
C SER A 252 -1.93 -36.60 0.56
N GLY A 253 -1.23 -35.44 0.46
CA GLY A 253 -0.72 -34.71 1.62
C GLY A 253 0.78 -34.43 1.66
N ASN A 254 1.55 -34.85 0.60
CA ASN A 254 3.01 -34.63 0.54
C ASN A 254 3.29 -33.16 0.26
N ARG A 255 4.35 -32.60 0.88
CA ARG A 255 4.73 -31.18 0.74
C ARG A 255 6.27 -31.06 0.64
N PRO A 256 6.86 -29.88 0.31
CA PRO A 256 8.34 -29.81 0.30
C PRO A 256 8.87 -30.05 1.71
N ASP A 257 10.06 -30.66 1.81
CA ASP A 257 10.64 -31.05 3.11
C ASP A 257 11.14 -29.85 3.88
N VAL A 258 10.48 -29.54 5.00
CA VAL A 258 10.88 -28.41 5.86
C VAL A 258 12.27 -28.64 6.48
N ASP A 259 12.67 -29.92 6.71
CA ASP A 259 14.00 -30.26 7.23
C ASP A 259 15.13 -29.90 6.23
N ASP A 260 14.79 -29.61 4.94
CA ASP A 260 15.77 -29.16 3.94
C ASP A 260 16.19 -27.70 4.18
N ILE A 261 15.45 -26.94 5.00
CA ILE A 261 15.80 -25.58 5.34
C ILE A 261 16.96 -25.67 6.34
N THR A 262 18.21 -25.52 5.86
CA THR A 262 19.39 -25.59 6.73
C THR A 262 19.53 -24.29 7.47
N GLU A 263 19.63 -23.16 6.73
CA GLU A 263 19.78 -21.84 7.32
C GLU A 263 18.60 -21.48 8.24
N TYR A 264 18.81 -20.51 9.14
CA TYR A 264 17.79 -20.11 10.10
C TYR A 264 16.44 -19.68 9.46
N CYS A 265 15.32 -20.16 10.03
CA CYS A 265 13.98 -19.77 9.64
C CYS A 265 13.08 -19.75 10.89
N PRO A 266 12.34 -18.66 11.15
CA PRO A 266 11.46 -18.63 12.35
C PRO A 266 10.32 -19.67 12.40
N ARG A 267 10.00 -20.14 13.61
CA ARG A 267 8.96 -21.14 13.83
C ARG A 267 7.56 -20.66 13.39
N GLU A 268 7.30 -19.34 13.54
CA GLU A 268 6.03 -18.72 13.14
C GLU A 268 5.90 -18.70 11.61
N ILE A 269 7.02 -18.54 10.88
CA ILE A 269 7.01 -18.58 9.43
C ILE A 269 6.78 -20.05 8.98
N ILE A 270 7.45 -21.03 9.63
CA ILE A 270 7.26 -22.45 9.33
C ILE A 270 5.79 -22.79 9.54
N SER A 271 5.23 -22.36 10.68
CA SER A 271 3.83 -22.55 11.02
C SER A 271 2.89 -21.91 9.94
N LEU A 272 3.29 -20.74 9.39
CA LEU A 272 2.52 -20.03 8.37
C LEU A 272 2.52 -20.83 7.05
N MET A 273 3.69 -21.32 6.61
CA MET A 273 3.75 -22.08 5.35
C MET A 273 2.95 -23.40 5.44
N LYS A 274 2.99 -24.08 6.60
CA LYS A 274 2.21 -25.30 6.81
C LYS A 274 0.69 -25.02 6.70
N LEU A 275 0.24 -23.93 7.31
CA LEU A 275 -1.17 -23.50 7.26
C LEU A 275 -1.60 -23.09 5.85
N CYS A 276 -0.74 -22.42 5.08
CA CYS A 276 -1.04 -21.97 3.72
C CYS A 276 -1.06 -23.12 2.72
N TRP A 277 -0.26 -24.17 2.92
CA TRP A 277 -0.31 -25.32 2.01
C TRP A 277 -1.24 -26.45 2.54
N GLU A 278 -2.19 -26.13 3.43
CA GLU A 278 -3.13 -27.13 3.92
C GLU A 278 -3.91 -27.67 2.69
N ALA A 279 -4.13 -29.00 2.62
CA ALA A 279 -4.78 -29.62 1.46
C ALA A 279 -6.16 -29.00 1.23
N ASN A 280 -6.96 -28.83 2.30
CA ASN A 280 -8.26 -28.20 2.19
C ASN A 280 -8.09 -26.69 1.88
N PRO A 281 -8.62 -26.15 0.74
CA PRO A 281 -8.49 -24.71 0.50
C PRO A 281 -9.20 -23.85 1.54
N GLU A 282 -10.34 -24.31 2.07
CA GLU A 282 -11.10 -23.61 3.10
C GLU A 282 -10.33 -23.44 4.41
N ALA A 283 -9.37 -24.33 4.69
CA ALA A 283 -8.52 -24.28 5.89
C ALA A 283 -7.39 -23.20 5.78
N ARG A 284 -7.09 -22.75 4.54
CA ARG A 284 -6.06 -21.75 4.31
C ARG A 284 -6.58 -20.31 4.61
N PRO A 285 -5.69 -19.40 5.04
CA PRO A 285 -6.13 -18.01 5.25
C PRO A 285 -6.20 -17.25 3.93
N THR A 286 -6.70 -16.02 4.00
CA THR A 286 -6.68 -15.07 2.90
C THR A 286 -5.43 -14.20 3.10
N PHE A 287 -4.95 -13.51 2.07
CA PHE A 287 -3.79 -12.59 2.16
C PHE A 287 -4.02 -11.42 3.17
N PRO A 288 -5.19 -10.75 3.28
CA PRO A 288 -5.40 -9.80 4.39
C PRO A 288 -5.28 -10.47 5.78
N GLY A 289 -5.71 -11.72 5.87
CA GLY A 289 -5.56 -12.54 7.06
C GLY A 289 -4.10 -12.83 7.38
N ILE A 290 -3.33 -13.18 6.34
CA ILE A 290 -1.89 -13.39 6.51
C ILE A 290 -1.24 -12.07 6.96
N GLU A 291 -1.57 -10.96 6.26
CA GLU A 291 -1.04 -9.62 6.56
C GLU A 291 -1.28 -9.16 7.98
N GLU A 292 -2.52 -9.28 8.49
CA GLU A 292 -2.80 -8.82 9.86
C GLU A 292 -1.99 -9.58 10.92
N LYS A 293 -1.55 -10.81 10.66
CA LYS A 293 -0.68 -11.55 11.60
C LYS A 293 0.84 -11.33 11.25
N PHE A 294 1.20 -11.28 9.96
CA PHE A 294 2.62 -11.17 9.55
C PHE A 294 3.23 -9.80 9.79
N ARG A 295 2.48 -8.71 9.55
CA ARG A 295 3.02 -7.38 9.71
C ARG A 295 3.43 -7.12 11.18
N PRO A 296 2.58 -7.32 12.21
CA PRO A 296 3.07 -7.19 13.59
C PRO A 296 4.30 -8.07 13.89
N PHE A 297 4.41 -9.24 13.29
CA PHE A 297 5.53 -10.16 13.52
C PHE A 297 6.80 -9.60 12.88
N TYR A 298 6.67 -9.10 11.65
CA TYR A 298 7.80 -8.51 10.93
C TYR A 298 8.31 -7.28 11.66
N LEU A 299 7.39 -6.45 12.16
CA LEU A 299 7.78 -5.20 12.79
C LEU A 299 8.35 -5.41 14.17
N SER A 300 7.85 -6.39 14.94
CA SER A 300 8.40 -6.61 16.26
C SER A 300 9.67 -7.42 16.24
N GLN A 301 9.72 -8.50 15.47
CA GLN A 301 10.88 -9.39 15.46
C GLN A 301 11.83 -9.35 14.27
N LEU A 302 11.50 -8.74 13.13
CA LEU A 302 12.43 -8.79 11.97
C LEU A 302 12.91 -7.44 11.44
N GLU A 303 12.04 -6.41 11.40
CA GLU A 303 12.42 -5.11 10.86
C GLU A 303 13.57 -4.52 11.66
N VAL B 18 -22.37 -4.93 15.47
CA VAL B 18 -21.59 -6.10 15.10
C VAL B 18 -20.27 -6.15 15.91
N ILE B 19 -19.29 -5.22 15.60
CA ILE B 19 -17.98 -5.15 16.31
C ILE B 19 -18.09 -4.12 17.46
N LYS B 20 -18.90 -4.53 18.44
CA LYS B 20 -19.10 -3.81 19.67
C LYS B 20 -18.03 -4.33 20.61
N MET B 21 -17.54 -3.48 21.49
CA MET B 21 -16.58 -3.85 22.52
C MET B 21 -17.28 -3.65 23.85
N LYS B 22 -16.82 -4.32 24.86
CA LYS B 22 -17.37 -4.21 26.19
C LYS B 22 -16.31 -3.55 27.06
N SER B 23 -16.73 -2.76 28.05
CA SER B 23 -15.79 -2.17 29.02
C SER B 23 -15.11 -3.31 29.83
N SER B 24 -15.79 -4.50 29.94
CA SER B 24 -15.27 -5.70 30.58
C SER B 24 -14.21 -6.33 29.67
N ASP B 25 -13.08 -5.64 29.64
CA ASP B 25 -11.90 -5.89 28.80
C ASP B 25 -10.71 -4.96 29.17
N PHE B 26 -10.96 -3.77 29.79
CA PHE B 26 -9.92 -2.79 30.11
C PHE B 26 -10.07 -2.12 31.51
N LEU B 27 -9.24 -1.04 31.79
CA LEU B 27 -9.29 -0.23 33.01
C LEU B 27 -9.27 1.30 32.68
N GLU B 28 -10.30 2.03 33.16
CA GLU B 28 -10.55 3.48 32.95
C GLU B 28 -9.37 4.43 33.19
N SER B 29 -9.45 5.62 32.57
CA SER B 29 -8.47 6.69 32.67
C SER B 29 -9.04 8.03 32.17
N VAL B 40 -9.42 11.81 26.88
CA VAL B 40 -9.15 10.50 26.30
C VAL B 40 -8.80 9.45 27.36
N SER B 41 -9.31 8.22 27.20
CA SER B 41 -9.00 7.14 28.15
C SER B 41 -7.95 6.20 27.58
N LEU B 42 -6.83 6.08 28.27
CA LEU B 42 -5.78 5.12 27.96
C LEU B 42 -6.24 3.79 28.62
N ALA B 43 -6.14 2.64 27.91
CA ALA B 43 -6.63 1.38 28.46
C ALA B 43 -6.03 0.17 27.76
N PHE B 44 -5.70 -0.88 28.53
CA PHE B 44 -5.12 -2.10 27.99
C PHE B 44 -6.23 -3.11 27.77
N HIS B 45 -6.41 -3.56 26.52
CA HIS B 45 -7.37 -4.58 26.13
C HIS B 45 -6.76 -5.92 26.54
N ARG B 46 -7.59 -6.88 26.95
CA ARG B 46 -7.10 -8.19 27.45
C ARG B 46 -6.26 -8.98 26.40
N THR B 47 -6.42 -8.74 25.09
CA THR B 47 -5.65 -9.43 24.06
C THR B 47 -5.05 -8.54 22.95
N GLN B 48 -5.80 -7.53 22.48
CA GLN B 48 -5.31 -6.66 21.40
C GLN B 48 -4.26 -5.59 21.85
N GLY B 49 -4.02 -5.47 23.16
CA GLY B 49 -3.00 -4.55 23.69
C GLY B 49 -3.47 -3.17 24.11
N LEU B 50 -2.52 -2.24 24.19
CA LEU B 50 -2.80 -0.88 24.62
C LEU B 50 -3.64 -0.14 23.57
N MET B 51 -4.71 0.51 24.03
CA MET B 51 -5.63 1.25 23.18
C MET B 51 -5.92 2.58 23.80
N ILE B 52 -6.50 3.47 22.99
CA ILE B 52 -6.93 4.80 23.40
C ILE B 52 -8.39 4.89 23.02
N MET B 53 -9.19 5.46 23.91
CA MET B 53 -10.61 5.63 23.72
C MET B 53 -10.93 7.11 23.75
N LYS B 54 -11.95 7.49 23.03
CA LYS B 54 -12.47 8.85 23.01
C LYS B 54 -13.93 8.73 23.34
N THR B 55 -14.33 9.20 24.53
CA THR B 55 -15.71 9.16 24.98
C THR B 55 -16.35 10.42 24.48
N VAL B 56 -17.16 10.23 23.43
CA VAL B 56 -17.85 11.26 22.65
C VAL B 56 -19.20 11.64 23.28
N TYR B 57 -19.80 10.78 24.13
CA TYR B 57 -21.08 11.13 24.74
C TYR B 57 -21.29 10.47 26.09
N LYS B 58 -21.88 11.23 27.03
CA LYS B 58 -22.23 10.82 28.39
C LYS B 58 -23.67 11.26 28.67
N GLY B 59 -24.62 10.35 28.43
CA GLY B 59 -26.05 10.58 28.64
C GLY B 59 -26.89 9.32 28.52
N PRO B 60 -28.23 9.42 28.34
CA PRO B 60 -29.05 8.19 28.25
C PRO B 60 -28.83 7.37 26.98
N ASN B 61 -28.86 6.03 27.10
CA ASN B 61 -28.65 5.08 25.98
C ASN B 61 -29.95 4.99 25.12
N CYS B 62 -29.85 5.21 23.79
CA CYS B 62 -30.99 5.24 22.85
C CYS B 62 -30.81 4.19 21.75
N ILE B 63 -31.37 2.97 21.97
CA ILE B 63 -31.27 1.82 21.05
C ILE B 63 -31.52 2.14 19.54
N GLU B 64 -32.37 3.12 19.20
CA GLU B 64 -32.68 3.46 17.80
C GLU B 64 -31.50 4.18 17.09
N HIS B 65 -30.96 5.20 17.76
CA HIS B 65 -29.80 5.96 17.26
C HIS B 65 -28.49 5.15 17.35
N ASN B 66 -28.43 4.12 18.22
CA ASN B 66 -27.27 3.24 18.39
C ASN B 66 -26.98 2.44 17.16
N GLU B 67 -28.02 1.97 16.45
CA GLU B 67 -27.79 1.14 15.26
C GLU B 67 -27.08 1.93 14.17
N ALA B 68 -27.50 3.18 13.98
CA ALA B 68 -26.88 4.09 13.04
C ALA B 68 -25.39 4.34 13.45
N LEU B 69 -25.11 4.59 14.74
CA LEU B 69 -23.74 4.79 15.24
C LEU B 69 -22.91 3.52 15.07
N LEU B 70 -23.51 2.33 15.24
CA LEU B 70 -22.81 1.05 15.05
C LEU B 70 -22.48 0.81 13.59
N GLU B 71 -23.39 1.14 12.71
CA GLU B 71 -23.21 1.04 11.27
C GLU B 71 -22.06 1.91 10.76
N GLU B 72 -22.00 3.15 11.21
CA GLU B 72 -20.95 4.07 10.80
C GLU B 72 -19.62 3.57 11.28
N ALA B 73 -19.57 2.98 12.48
CA ALA B 73 -18.34 2.40 13.02
C ALA B 73 -17.94 1.14 12.26
N LYS B 74 -18.92 0.33 11.84
CA LYS B 74 -18.64 -0.86 11.02
C LYS B 74 -18.07 -0.42 9.67
N MET B 75 -18.61 0.68 9.10
CA MET B 75 -18.10 1.24 7.86
C MET B 75 -16.68 1.72 8.01
N MET B 76 -16.36 2.49 9.05
CA MET B 76 -14.97 2.95 9.20
C MET B 76 -14.02 1.80 9.40
N ASN B 77 -14.45 0.77 10.16
CA ASN B 77 -13.65 -0.42 10.44
C ASN B 77 -13.27 -1.21 9.18
N ARG B 78 -13.94 -0.96 8.04
CA ARG B 78 -13.58 -1.58 6.78
C ARG B 78 -12.42 -0.88 6.13
N LEU B 79 -11.93 0.26 6.67
CA LEU B 79 -10.79 0.95 6.06
C LEU B 79 -9.56 0.30 6.65
N ARG B 80 -9.01 -0.74 5.94
CA ARG B 80 -7.91 -1.58 6.43
C ARG B 80 -6.67 -1.42 5.59
N HIS B 81 -5.72 -0.67 6.10
CA HIS B 81 -4.47 -0.39 5.39
C HIS B 81 -3.44 -0.09 6.45
N SER B 82 -2.14 -0.41 6.18
CA SER B 82 -1.05 -0.25 7.15
C SER B 82 -0.79 1.18 7.59
N ARG B 83 -1.11 2.14 6.74
CA ARG B 83 -0.90 3.56 6.98
C ARG B 83 -2.14 4.30 7.31
N VAL B 84 -3.23 3.63 7.73
CA VAL B 84 -4.37 4.38 8.19
C VAL B 84 -4.88 3.75 9.51
N VAL B 85 -5.29 4.62 10.42
CA VAL B 85 -5.85 4.25 11.71
C VAL B 85 -7.02 3.29 11.50
N LYS B 86 -6.97 2.15 12.17
CA LYS B 86 -8.06 1.17 12.08
C LYS B 86 -8.98 1.39 13.27
N LEU B 87 -10.28 1.73 13.04
CA LEU B 87 -11.23 1.87 14.15
C LEU B 87 -11.40 0.46 14.70
N LEU B 88 -10.94 0.19 15.91
CA LEU B 88 -11.01 -1.18 16.45
C LEU B 88 -12.36 -1.55 16.97
N GLY B 89 -13.08 -0.61 17.52
CA GLY B 89 -14.42 -0.87 18.01
C GLY B 89 -15.03 0.33 18.70
N VAL B 90 -16.27 0.15 19.16
CA VAL B 90 -17.05 1.14 19.89
C VAL B 90 -17.60 0.53 21.17
N ILE B 91 -17.70 1.35 22.20
CA ILE B 91 -18.29 0.99 23.47
C ILE B 91 -19.54 1.85 23.60
N ILE B 92 -20.71 1.26 23.39
CA ILE B 92 -22.00 1.93 23.60
C ILE B 92 -22.57 1.34 24.88
N GLU B 93 -22.36 2.05 25.97
CA GLU B 93 -22.79 1.65 27.29
C GLU B 93 -23.65 2.76 27.86
N GLU B 94 -24.26 2.53 29.03
CA GLU B 94 -25.08 3.53 29.72
C GLU B 94 -24.16 4.66 30.19
N GLY B 95 -24.39 5.88 29.70
CA GLY B 95 -23.57 7.04 30.01
C GLY B 95 -22.18 7.01 29.38
N LYS B 96 -22.02 6.31 28.23
CA LYS B 96 -20.69 6.16 27.61
C LYS B 96 -20.76 5.70 26.17
N TYR B 97 -20.56 6.61 25.24
CA TYR B 97 -20.45 6.30 23.83
C TYR B 97 -19.00 6.58 23.54
N SER B 98 -18.22 5.56 23.23
CA SER B 98 -16.80 5.71 22.97
C SER B 98 -16.35 5.07 21.69
N LEU B 99 -15.27 5.62 21.13
CA LEU B 99 -14.57 5.09 19.97
C LEU B 99 -13.29 4.55 20.48
N VAL B 100 -12.84 3.41 19.96
CA VAL B 100 -11.59 2.80 20.40
C VAL B 100 -10.63 2.57 19.20
N MET B 101 -9.37 2.94 19.33
CA MET B 101 -8.32 2.69 18.31
C MET B 101 -7.01 2.29 19.00
N GLU B 102 -6.02 1.88 18.20
CA GLU B 102 -4.70 1.50 18.72
C GLU B 102 -3.95 2.73 19.19
N TYR B 103 -3.30 2.67 20.36
CA TYR B 103 -2.51 3.80 20.87
C TYR B 103 -1.24 3.99 20.04
N MET B 104 -1.06 5.17 19.42
CA MET B 104 0.16 5.52 18.66
C MET B 104 1.07 6.27 19.62
N GLU B 105 2.11 5.58 20.08
CA GLU B 105 3.00 5.92 21.22
C GLU B 105 3.74 7.24 21.11
N LYS B 106 4.28 7.57 19.94
CA LYS B 106 5.01 8.81 19.75
C LYS B 106 4.14 10.04 19.56
N GLY B 107 2.83 9.90 19.57
CA GLY B 107 1.93 11.04 19.42
C GLY B 107 1.74 11.43 17.96
N ASN B 108 1.49 12.72 17.71
CA ASN B 108 1.29 13.19 16.34
C ASN B 108 2.63 13.56 15.68
N LEU B 109 2.57 13.85 14.40
CA LEU B 109 3.74 14.18 13.60
C LEU B 109 4.46 15.44 14.08
N MET B 110 3.72 16.48 14.43
CA MET B 110 4.32 17.73 14.90
C MET B 110 5.02 17.55 16.22
N HIS B 111 4.43 16.79 17.13
CA HIS B 111 5.06 16.48 18.40
C HIS B 111 6.43 15.83 18.14
N VAL B 112 6.47 14.81 17.27
CA VAL B 112 7.70 14.10 16.91
C VAL B 112 8.74 15.01 16.22
N LEU B 113 8.32 15.93 15.32
CA LEU B 113 9.21 16.85 14.59
C LEU B 113 9.93 17.87 15.51
N LYS B 114 9.15 18.54 16.36
CA LYS B 114 9.68 19.49 17.35
C LYS B 114 10.45 18.82 18.54
N ALA B 115 10.49 17.46 18.65
CA ALA B 115 11.25 16.76 19.71
C ALA B 115 12.76 17.06 19.64
N GLU B 116 13.47 16.96 20.81
CA GLU B 116 14.93 17.24 20.90
C GLU B 116 15.75 16.38 19.93
N MET B 117 15.51 15.06 19.91
CA MET B 117 16.18 14.16 18.96
C MET B 117 15.79 14.57 17.54
N SER B 118 16.79 14.83 16.69
CA SER B 118 16.58 15.24 15.29
C SER B 118 16.22 14.03 14.45
N THR B 119 15.25 14.17 13.56
CA THR B 119 14.80 13.09 12.68
C THR B 119 15.54 13.24 11.37
N PRO B 120 16.31 12.22 10.92
CA PRO B 120 17.02 12.37 9.64
C PRO B 120 16.13 12.25 8.41
N LEU B 121 16.66 12.68 7.25
CA LEU B 121 15.94 12.67 5.98
C LEU B 121 15.45 11.29 5.56
N SER B 122 16.16 10.22 5.93
CA SER B 122 15.74 8.87 5.54
C SER B 122 14.40 8.56 6.24
N VAL B 123 14.24 9.01 7.52
CA VAL B 123 13.03 8.80 8.31
C VAL B 123 11.89 9.73 7.82
N LYS B 124 12.20 10.99 7.54
CA LYS B 124 11.22 11.93 6.99
C LYS B 124 10.75 11.47 5.61
N GLY B 125 11.68 10.93 4.83
CA GLY B 125 11.38 10.37 3.51
C GLY B 125 10.40 9.22 3.57
N ARG B 126 10.61 8.30 4.50
CA ARG B 126 9.72 7.17 4.72
C ARG B 126 8.37 7.65 5.30
N ILE B 127 8.39 8.61 6.19
CA ILE B 127 7.15 9.19 6.70
C ILE B 127 6.31 9.75 5.55
N ILE B 128 6.92 10.51 4.64
CA ILE B 128 6.24 11.08 3.49
C ILE B 128 5.63 9.99 2.63
N LEU B 129 6.42 9.01 2.26
CA LEU B 129 5.91 7.92 1.42
C LEU B 129 4.78 7.19 2.07
N GLU B 130 4.81 7.01 3.42
CA GLU B 130 3.69 6.38 4.11
C GLU B 130 2.44 7.23 4.10
N ILE B 131 2.59 8.56 4.21
CA ILE B 131 1.45 9.46 4.13
C ILE B 131 0.77 9.31 2.79
N ILE B 132 1.56 9.30 1.72
CA ILE B 132 1.08 9.17 0.35
C ILE B 132 0.32 7.84 0.15
N GLU B 133 0.86 6.73 0.70
CA GLU B 133 0.20 5.41 0.56
C GLU B 133 -1.14 5.41 1.28
N GLY B 134 -1.20 5.92 2.49
CA GLY B 134 -2.45 5.97 3.24
C GLY B 134 -3.49 6.85 2.57
N MET B 135 -3.05 7.98 1.98
CA MET B 135 -3.95 8.89 1.27
C MET B 135 -4.41 8.30 -0.05
N ALA B 136 -3.54 7.59 -0.78
CA ALA B 136 -3.95 6.92 -2.02
C ALA B 136 -5.00 5.83 -1.70
N TYR B 137 -4.81 5.09 -0.62
CA TYR B 137 -5.78 4.09 -0.20
C TYR B 137 -7.11 4.75 0.10
N LEU B 138 -7.12 5.75 0.98
CA LEU B 138 -8.34 6.45 1.36
C LEU B 138 -9.07 6.96 0.11
N HIS B 139 -8.36 7.66 -0.80
CA HIS B 139 -8.99 8.18 -2.02
C HIS B 139 -9.53 7.05 -2.89
N GLY B 140 -8.81 5.95 -3.01
CA GLY B 140 -9.26 4.77 -3.74
C GLY B 140 -10.53 4.15 -3.19
N LYS B 141 -10.79 4.32 -1.87
CA LYS B 141 -12.02 3.86 -1.20
C LYS B 141 -13.10 4.95 -1.21
N GLY B 142 -12.91 6.03 -1.97
CA GLY B 142 -13.85 7.13 -2.05
C GLY B 142 -13.89 8.02 -0.82
N VAL B 143 -12.85 8.02 0.00
CA VAL B 143 -12.75 8.81 1.22
C VAL B 143 -11.90 10.05 1.03
N ILE B 144 -12.52 11.23 1.14
CA ILE B 144 -11.85 12.52 1.11
C ILE B 144 -11.64 12.83 2.59
N HIS B 145 -10.38 13.00 3.00
CA HIS B 145 -10.03 13.25 4.40
C HIS B 145 -10.64 14.55 4.91
N LYS B 146 -10.39 15.66 4.20
CA LYS B 146 -10.88 17.02 4.52
C LYS B 146 -10.18 17.71 5.66
N ASP B 147 -9.36 17.02 6.47
CA ASP B 147 -8.70 17.64 7.61
C ASP B 147 -7.31 17.05 7.80
N LEU B 148 -6.55 16.92 6.70
CA LEU B 148 -5.22 16.37 6.73
C LEU B 148 -4.28 17.42 7.28
N LYS B 149 -3.54 17.09 8.31
CA LYS B 149 -2.64 18.01 9.00
C LYS B 149 -1.79 17.21 9.96
N PRO B 150 -0.69 17.77 10.49
CA PRO B 150 0.18 16.99 11.39
C PRO B 150 -0.50 16.34 12.59
N GLU B 151 -1.51 16.97 13.17
CA GLU B 151 -2.32 16.42 14.29
C GLU B 151 -3.02 15.11 13.91
N ASN B 152 -3.31 14.89 12.61
CA ASN B 152 -3.93 13.65 12.15
C ASN B 152 -2.97 12.69 11.56
N ILE B 153 -1.66 12.89 11.74
CA ILE B 153 -0.64 11.93 11.28
C ILE B 153 0.01 11.43 12.56
N LEU B 154 -0.32 10.19 12.96
CA LEU B 154 0.12 9.58 14.22
C LEU B 154 1.31 8.70 14.05
N VAL B 155 2.28 8.76 14.98
CA VAL B 155 3.55 8.05 14.85
C VAL B 155 3.68 6.95 15.90
N ASP B 156 4.13 5.77 15.51
CA ASP B 156 4.34 4.66 16.45
C ASP B 156 5.81 4.61 16.97
N ASN B 157 6.13 3.71 17.93
CA ASN B 157 7.49 3.57 18.48
C ASN B 157 8.58 3.34 17.41
N ASP B 158 8.25 2.63 16.31
CA ASP B 158 9.18 2.35 15.19
C ASP B 158 9.23 3.45 14.11
N PHE B 159 8.64 4.64 14.34
CA PHE B 159 8.59 5.75 13.39
C PHE B 159 7.75 5.48 12.14
N HIS B 160 6.84 4.49 12.13
CA HIS B 160 5.89 4.32 11.04
C HIS B 160 4.68 5.19 11.41
N ILE B 161 3.90 5.64 10.41
CA ILE B 161 2.79 6.54 10.66
C ILE B 161 1.46 5.97 10.26
N LYS B 162 0.42 6.60 10.74
CA LYS B 162 -0.97 6.30 10.36
C LYS B 162 -1.76 7.56 10.30
N ILE B 163 -2.55 7.71 9.23
CA ILE B 163 -3.48 8.82 9.05
C ILE B 163 -4.76 8.51 9.93
N ALA B 164 -5.13 9.45 10.82
CA ALA B 164 -6.29 9.40 11.74
C ALA B 164 -7.33 10.41 11.30
N ASP B 165 -8.47 10.43 12.00
CA ASP B 165 -9.54 11.38 11.79
C ASP B 165 -10.02 11.79 13.18
N LEU B 166 -9.10 12.43 13.94
CA LEU B 166 -9.34 12.74 15.34
C LEU B 166 -10.39 13.82 15.60
N GLY B 167 -10.64 14.65 14.61
CA GLY B 167 -11.69 15.66 14.66
C GLY B 167 -13.00 15.11 14.13
N LEU B 168 -13.08 13.79 13.85
CA LEU B 168 -14.30 13.12 13.41
C LEU B 168 -14.93 13.68 12.14
N ALA B 169 -14.10 14.22 11.21
CA ALA B 169 -14.54 14.80 9.90
C ALA B 169 -15.23 13.78 8.99
N SER B 170 -14.87 12.48 9.07
CA SER B 170 -15.50 11.45 8.23
C SER B 170 -16.61 10.67 9.00
N PHE B 171 -16.94 11.09 10.24
CA PHE B 171 -17.94 10.44 11.11
C PHE B 171 -19.12 11.36 11.25
N LYS B 172 -20.07 11.27 10.36
CA LYS B 172 -21.26 12.12 10.37
C LYS B 172 -22.04 11.98 11.65
N MET B 173 -22.37 10.75 12.03
CA MET B 173 -23.17 10.46 13.20
C MET B 173 -22.41 10.63 14.49
N TRP B 174 -21.15 10.19 14.55
CA TRP B 174 -20.39 10.31 15.79
C TRP B 174 -19.99 11.73 16.07
N SER B 175 -19.73 12.54 15.03
CA SER B 175 -19.45 13.97 15.23
C SER B 175 -20.74 14.72 15.59
N LYS B 176 -21.93 14.29 15.07
CA LYS B 176 -23.22 14.85 15.49
C LYS B 176 -23.47 14.50 16.97
N LEU B 177 -23.14 13.28 17.38
CA LEU B 177 -23.28 12.85 18.78
C LEU B 177 -22.39 13.72 19.68
N ASN B 178 -21.22 14.12 19.15
CA ASN B 178 -20.28 15.03 19.80
C ASN B 178 -20.78 16.50 19.87
N ASN B 179 -22.05 16.81 19.46
CA ASN B 179 -22.63 18.17 19.50
C ASN B 179 -24.04 18.21 20.18
N GLU B 180 -24.41 17.20 20.97
CA GLU B 180 -25.73 17.16 21.64
C GLU B 180 -25.73 18.05 22.90
N GLU B 181 -26.91 18.63 23.25
CA GLU B 181 -27.06 19.49 24.45
C GLU B 181 -27.14 18.69 25.76
N HIS B 182 -27.61 17.42 25.71
CA HIS B 182 -27.69 16.55 26.91
C HIS B 182 -26.38 15.73 27.14
N ASN B 183 -25.22 16.28 26.70
CA ASN B 183 -23.89 15.69 26.77
C ASN B 183 -22.96 16.58 27.62
N GLU B 184 -21.93 15.98 28.25
CA GLU B 184 -20.93 16.72 29.03
C GLU B 184 -19.96 17.42 28.05
N LEU B 185 -19.38 16.66 27.11
CA LEU B 185 -18.45 17.18 26.10
C LEU B 185 -19.20 18.02 25.06
N THR B 198 -7.30 22.74 10.58
CA THR B 198 -7.02 24.16 10.80
C THR B 198 -6.57 24.91 9.52
N LEU B 199 -6.56 26.24 9.63
CA LEU B 199 -6.30 27.22 8.58
C LEU B 199 -5.05 27.01 7.73
N TYR B 200 -3.91 26.72 8.38
CA TYR B 200 -2.63 26.58 7.69
C TYR B 200 -2.60 25.47 6.64
N TYR B 201 -3.44 24.44 6.77
CA TYR B 201 -3.45 23.27 5.87
C TYR B 201 -4.68 23.18 4.96
N MET B 202 -5.52 24.17 5.00
CA MET B 202 -6.78 24.23 4.26
C MET B 202 -6.52 24.84 2.90
N ALA B 203 -7.00 24.18 1.86
CA ALA B 203 -6.86 24.65 0.49
C ALA B 203 -7.54 26.01 0.28
N PRO B 204 -6.99 26.89 -0.58
CA PRO B 204 -7.59 28.22 -0.76
C PRO B 204 -9.06 28.22 -1.22
N GLU B 205 -9.52 27.19 -1.97
CA GLU B 205 -10.95 26.99 -2.34
C GLU B 205 -11.83 27.13 -1.11
N HIS B 206 -11.41 26.52 0.01
CA HIS B 206 -12.17 26.45 1.26
C HIS B 206 -12.00 27.63 2.21
N LEU B 207 -11.09 28.58 1.90
CA LEU B 207 -10.97 29.88 2.59
C LEU B 207 -11.82 30.94 1.83
N ASN B 208 -12.19 30.68 0.54
CA ASN B 208 -12.93 31.59 -0.36
C ASN B 208 -14.36 31.92 0.13
N ASP B 209 -15.01 32.93 -0.50
CA ASP B 209 -16.41 33.29 -0.22
C ASP B 209 -17.34 32.13 -0.66
N VAL B 210 -16.92 31.32 -1.66
CA VAL B 210 -17.68 30.17 -2.19
C VAL B 210 -17.61 28.98 -1.22
N ASN B 211 -16.38 28.52 -0.93
CA ASN B 211 -16.17 27.37 -0.07
C ASN B 211 -17.02 26.16 -0.54
N ALA B 212 -16.72 25.69 -1.76
CA ALA B 212 -17.38 24.55 -2.39
C ALA B 212 -17.09 23.22 -1.66
N LYS B 213 -17.72 22.13 -2.10
CA LYS B 213 -17.53 20.79 -1.51
C LYS B 213 -16.04 20.35 -1.59
N PRO B 214 -15.50 19.65 -0.57
CA PRO B 214 -14.10 19.20 -0.68
C PRO B 214 -13.92 18.12 -1.72
N THR B 215 -12.73 18.05 -2.28
CA THR B 215 -12.34 17.09 -3.30
C THR B 215 -11.02 16.45 -2.86
N GLU B 216 -10.54 15.50 -3.67
CA GLU B 216 -9.24 14.86 -3.55
C GLU B 216 -8.11 15.89 -3.60
N LYS B 217 -8.28 16.92 -4.41
CA LYS B 217 -7.29 18.00 -4.60
C LYS B 217 -7.22 18.87 -3.39
N SER B 218 -8.31 19.01 -2.63
CA SER B 218 -8.32 19.70 -1.34
C SER B 218 -7.31 18.99 -0.39
N ASP B 219 -7.29 17.64 -0.33
CA ASP B 219 -6.33 16.90 0.52
C ASP B 219 -4.89 16.98 -0.01
N VAL B 220 -4.73 17.13 -1.32
CA VAL B 220 -3.41 17.25 -1.93
C VAL B 220 -2.79 18.57 -1.51
N TYR B 221 -3.60 19.65 -1.42
CA TYR B 221 -3.10 20.92 -0.90
C TYR B 221 -2.58 20.72 0.56
N SER B 222 -3.42 20.14 1.44
CA SER B 222 -3.04 19.88 2.80
C SER B 222 -1.71 19.10 2.90
N PHE B 223 -1.57 18.07 2.06
CA PHE B 223 -0.35 17.28 2.01
C PHE B 223 0.90 18.16 1.70
N ALA B 224 0.78 19.08 0.73
CA ALA B 224 1.87 19.96 0.33
C ALA B 224 2.38 20.78 1.55
N VAL B 225 1.44 21.26 2.37
CA VAL B 225 1.81 22.08 3.52
C VAL B 225 2.40 21.21 4.65
N VAL B 226 1.91 19.97 4.77
CA VAL B 226 2.45 18.98 5.70
C VAL B 226 3.90 18.67 5.21
N LEU B 227 4.12 18.57 3.89
CA LEU B 227 5.47 18.33 3.36
C LEU B 227 6.43 19.41 3.86
N TRP B 228 6.03 20.68 3.69
CA TRP B 228 6.80 21.84 4.18
C TRP B 228 7.07 21.72 5.65
N ALA B 229 6.06 21.42 6.46
CA ALA B 229 6.23 21.32 7.89
C ALA B 229 7.24 20.26 8.29
N ILE B 230 7.24 19.09 7.59
CA ILE B 230 8.16 18.01 7.86
C ILE B 230 9.63 18.49 7.71
N PHE B 231 9.95 19.40 6.79
CA PHE B 231 11.32 19.90 6.62
C PHE B 231 11.61 21.14 7.45
N ALA B 232 10.59 21.90 7.83
CA ALA B 232 10.77 23.09 8.66
C ALA B 232 10.73 22.74 10.14
N ASN B 233 10.14 21.58 10.52
CA ASN B 233 9.99 21.16 11.92
C ASN B 233 9.18 22.15 12.75
N LYS B 234 8.20 22.80 12.11
CA LYS B 234 7.34 23.77 12.76
C LYS B 234 6.12 24.06 11.87
N GLU B 235 5.20 24.85 12.40
CA GLU B 235 4.01 25.29 11.69
C GLU B 235 4.43 26.38 10.72
N PRO B 236 3.74 26.53 9.59
CA PRO B 236 4.09 27.62 8.66
C PRO B 236 3.53 28.97 9.13
N TYR B 237 3.82 30.02 8.37
CA TYR B 237 3.27 31.37 8.61
C TYR B 237 3.49 32.01 10.00
N GLU B 238 4.67 31.82 10.60
CA GLU B 238 4.96 32.39 11.94
C GLU B 238 4.94 33.94 11.95
N ASN B 239 5.28 34.57 10.82
CA ASN B 239 5.30 36.03 10.68
C ASN B 239 3.92 36.64 10.42
N ALA B 240 2.85 35.83 10.26
CA ALA B 240 1.52 36.40 10.05
C ALA B 240 1.09 37.06 11.36
N ILE B 241 0.48 38.25 11.23
CA ILE B 241 0.05 39.05 12.38
C ILE B 241 -1.44 38.82 12.64
N ALA B 242 -2.28 38.87 11.60
CA ALA B 242 -3.73 38.68 11.76
C ALA B 242 -4.22 37.57 10.84
N GLU B 243 -5.29 36.90 11.26
CA GLU B 243 -5.88 35.79 10.53
C GLU B 243 -6.44 36.21 9.18
N GLN B 244 -7.10 37.37 9.12
CA GLN B 244 -7.69 37.87 7.86
C GLN B 244 -6.58 38.23 6.89
N GLN B 245 -5.43 38.74 7.40
CA GLN B 245 -4.27 39.04 6.54
C GLN B 245 -3.81 37.73 5.90
N LEU B 246 -3.69 36.67 6.71
CA LEU B 246 -3.26 35.36 6.26
C LEU B 246 -4.28 34.68 5.34
N ILE B 247 -5.58 34.78 5.64
CA ILE B 247 -6.62 34.21 4.78
C ILE B 247 -6.52 34.85 3.39
N MET B 248 -6.46 36.18 3.33
CA MET B 248 -6.38 36.86 2.04
C MET B 248 -5.06 36.60 1.39
N ALA B 249 -3.98 36.46 2.18
CA ALA B 249 -2.68 36.19 1.58
C ALA B 249 -2.65 34.83 0.90
N ILE B 250 -3.17 33.80 1.55
CA ILE B 250 -3.18 32.44 0.96
C ILE B 250 -4.05 32.38 -0.33
N LYS B 251 -5.21 33.03 -0.32
CA LYS B 251 -6.09 33.13 -1.51
C LYS B 251 -5.44 33.88 -2.66
N SER B 252 -4.58 34.87 -2.36
CA SER B 252 -3.86 35.61 -3.39
C SER B 252 -2.60 34.88 -3.90
N GLY B 253 -2.26 33.72 -3.31
CA GLY B 253 -1.13 32.91 -3.77
C GLY B 253 0.05 32.80 -2.83
N ASN B 254 -0.10 33.30 -1.61
CA ASN B 254 0.96 33.22 -0.63
C ASN B 254 1.00 31.80 -0.05
N ARG B 255 2.18 31.28 0.16
CA ARG B 255 2.43 29.92 0.59
C ARG B 255 3.54 29.86 1.62
N PRO B 256 3.75 28.71 2.30
CA PRO B 256 4.84 28.64 3.26
C PRO B 256 6.20 29.01 2.65
N ASP B 257 7.02 29.66 3.47
CA ASP B 257 8.30 30.22 3.07
C ASP B 257 9.30 29.13 2.74
N VAL B 258 9.58 28.98 1.47
CA VAL B 258 10.49 27.97 0.96
C VAL B 258 11.95 28.22 1.40
N ASP B 259 12.32 29.46 1.78
CA ASP B 259 13.66 29.76 2.29
C ASP B 259 13.93 29.16 3.65
N ASP B 260 12.86 28.87 4.44
CA ASP B 260 13.06 28.23 5.74
C ASP B 260 13.46 26.74 5.57
N ILE B 261 13.32 26.15 4.34
CA ILE B 261 13.63 24.74 4.13
C ILE B 261 14.61 24.46 2.98
N THR B 262 15.15 25.46 2.28
CA THR B 262 16.05 25.18 1.16
C THR B 262 17.33 24.38 1.59
N GLU B 263 17.92 24.71 2.76
CA GLU B 263 19.12 23.99 3.27
C GLU B 263 18.76 22.62 3.82
N TYR B 264 17.57 22.50 4.42
CA TYR B 264 17.05 21.24 4.96
C TYR B 264 16.62 20.25 3.84
N CYS B 265 15.70 20.69 2.99
CA CYS B 265 14.94 19.91 2.02
C CYS B 265 15.54 19.72 0.63
N PRO B 266 15.46 18.48 0.06
CA PRO B 266 15.85 18.28 -1.35
C PRO B 266 15.03 19.14 -2.34
N ARG B 267 15.65 19.51 -3.46
CA ARG B 267 15.05 20.38 -4.48
C ARG B 267 13.81 19.75 -5.13
N GLU B 268 13.82 18.42 -5.26
CA GLU B 268 12.80 17.58 -5.89
C GLU B 268 11.52 17.55 -5.03
N ILE B 269 11.68 17.53 -3.71
CA ILE B 269 10.58 17.57 -2.77
C ILE B 269 10.04 19.01 -2.71
N ILE B 270 10.92 20.04 -2.88
CA ILE B 270 10.44 21.42 -2.93
C ILE B 270 9.54 21.59 -4.17
N SER B 271 9.93 21.02 -5.30
CA SER B 271 9.15 21.09 -6.54
C SER B 271 7.79 20.36 -6.38
N LEU B 272 7.78 19.27 -5.63
CA LEU B 272 6.59 18.48 -5.39
C LEU B 272 5.61 19.27 -4.55
N MET B 273 6.06 19.83 -3.44
CA MET B 273 5.18 20.60 -2.59
C MET B 273 4.60 21.79 -3.35
N LYS B 274 5.37 22.42 -4.27
CA LYS B 274 4.86 23.53 -5.08
C LYS B 274 3.80 23.08 -6.02
N LEU B 275 3.98 21.93 -6.58
CA LEU B 275 2.99 21.38 -7.47
C LEU B 275 1.70 21.07 -6.72
N CYS B 276 1.82 20.47 -5.54
CA CYS B 276 0.70 20.11 -4.71
C CYS B 276 -0.03 21.29 -4.09
N TRP B 277 0.63 22.44 -3.87
CA TRP B 277 -0.08 23.62 -3.32
C TRP B 277 -0.50 24.64 -4.42
N GLU B 278 -0.55 24.23 -5.68
CA GLU B 278 -1.02 25.09 -6.78
C GLU B 278 -2.42 25.61 -6.44
N ALA B 279 -2.67 26.87 -6.81
CA ALA B 279 -3.91 27.59 -6.56
C ALA B 279 -5.05 26.87 -7.25
N ASN B 280 -4.82 26.48 -8.47
CA ASN B 280 -5.81 25.73 -9.26
C ASN B 280 -5.88 24.28 -8.76
N PRO B 281 -7.01 23.82 -8.21
CA PRO B 281 -7.09 22.41 -7.75
C PRO B 281 -6.87 21.33 -8.80
N GLU B 282 -7.30 21.61 -10.04
CA GLU B 282 -7.17 20.68 -11.15
C GLU B 282 -5.75 20.63 -11.61
N ALA B 283 -4.87 21.55 -11.16
CA ALA B 283 -3.44 21.46 -11.50
C ALA B 283 -2.64 20.65 -10.45
N ARG B 284 -3.25 20.29 -9.30
CA ARG B 284 -2.56 19.49 -8.29
C ARG B 284 -2.59 18.05 -8.74
N PRO B 285 -1.55 17.26 -8.44
CA PRO B 285 -1.59 15.84 -8.81
C PRO B 285 -2.49 15.00 -7.91
N THR B 286 -2.58 13.70 -8.23
CA THR B 286 -3.32 12.76 -7.45
C THR B 286 -2.32 12.11 -6.53
N PHE B 287 -2.80 11.44 -5.49
CA PHE B 287 -1.90 10.69 -4.61
C PHE B 287 -1.22 9.54 -5.32
N PRO B 288 -1.92 8.68 -6.09
CA PRO B 288 -1.21 7.67 -6.88
C PRO B 288 -0.14 8.26 -7.83
N GLY B 289 -0.39 9.44 -8.41
CA GLY B 289 0.57 10.13 -9.26
C GLY B 289 1.75 10.65 -8.46
N ILE B 290 1.48 11.19 -7.23
CA ILE B 290 2.53 11.63 -6.29
C ILE B 290 3.42 10.45 -5.93
N GLU B 291 2.79 9.29 -5.60
CA GLU B 291 3.50 8.05 -5.22
C GLU B 291 4.49 7.58 -6.30
N GLU B 292 4.13 7.75 -7.58
CA GLU B 292 4.96 7.32 -8.71
C GLU B 292 6.18 8.21 -8.89
N LYS B 293 6.05 9.47 -8.54
CA LYS B 293 7.14 10.43 -8.56
C LYS B 293 8.02 10.29 -7.30
N PHE B 294 7.39 10.15 -6.11
CA PHE B 294 8.13 10.03 -4.87
C PHE B 294 8.78 8.66 -4.58
N ARG B 295 8.12 7.57 -4.91
CA ARG B 295 8.67 6.27 -4.55
C ARG B 295 10.09 6.01 -5.14
N PRO B 296 10.33 6.15 -6.45
CA PRO B 296 11.70 5.96 -6.97
C PRO B 296 12.75 6.88 -6.32
N PHE B 297 12.44 8.18 -6.18
CA PHE B 297 13.32 9.17 -5.57
C PHE B 297 13.71 8.74 -4.14
N TYR B 298 12.70 8.32 -3.35
CA TYR B 298 12.95 7.84 -2.00
C TYR B 298 13.92 6.63 -2.05
N LEU B 299 13.69 5.68 -2.98
CA LEU B 299 14.52 4.48 -3.10
C LEU B 299 15.94 4.73 -3.59
N SER B 300 16.14 5.66 -4.53
CA SER B 300 17.49 5.92 -5.00
C SER B 300 18.26 6.86 -4.07
N GLN B 301 17.57 7.86 -3.45
CA GLN B 301 18.25 8.89 -2.67
C GLN B 301 18.08 8.93 -1.16
N LEU B 302 16.99 8.42 -0.57
CA LEU B 302 16.75 8.59 0.88
C LEU B 302 16.70 7.32 1.71
N GLU B 303 16.29 6.16 1.15
CA GLU B 303 16.23 4.93 1.92
C GLU B 303 17.63 4.48 2.31
C33 65U C . -0.15 -8.08 -13.09
C38 65U C . -0.83 -10.57 -12.05
C40 65U C . -1.66 -9.96 -12.96
C42 65U C . -1.31 -8.73 -13.50
C36 65U C . 0.36 -9.97 -11.67
C13 65U C . 7.27 -11.82 -20.37
C15 65U C . 6.78 -10.51 -20.51
C11 65U C . 8.63 -12.00 -20.17
C17 65U C . 4.67 -9.76 -19.70
C20 65U C . 5.29 -8.57 -18.95
C30 65U C . 0.29 -6.80 -13.77
C29 65U C . 1.33 -7.00 -14.82
C27 65U C . 2.11 -8.04 -15.15
C26 65U C . 2.85 -7.60 -16.25
C01 65U C . 7.79 -7.20 -21.52
N05 65U C . 7.15 -8.08 -20.54
C06 65U C . 7.63 -9.41 -20.41
C07 65U C . 9.00 -9.63 -20.19
C09 65U C . 9.49 -10.92 -20.09
O16 65U C . 5.43 -10.40 -20.74
N22 65U C . 4.29 -7.86 -18.16
C24 65U C . 3.89 -8.37 -16.98
O25 65U C . 4.32 -9.44 -16.52
C34 65U C . 0.71 -8.74 -12.22
O44 65U C . 1.56 -5.97 -15.66
N45 65U C . 2.57 -6.35 -16.58
C46 65U C . 6.01 -7.63 -19.93
O47 65U C . 5.57 -6.51 -20.14
H39 65U C . -1.11 -11.53 -11.62
H41 65U C . -2.59 -10.43 -13.24
H43 65U C . -1.97 -8.26 -14.21
H37 65U C . 1.01 -10.44 -10.97
H14 65U C . 6.60 -12.66 -20.45
H12 65U C . 9.01 -13.01 -20.05
H19 65U C . 3.73 -9.43 -20.13
H18 65U C . 4.39 -10.52 -18.96
H21 65U C . 6.01 -8.93 -18.24
H32 65U C . 0.67 -6.13 -13.00
H31 65U C . -0.59 -6.33 -14.23
H28 65U C . 2.14 -9.01 -14.69
H04 65U C . 7.63 -6.15 -21.27
H03 65U C . 8.86 -7.36 -21.55
H02 65U C . 7.35 -7.42 -22.49
H08 65U C . 9.68 -8.80 -20.10
H10 65U C . 10.52 -11.10 -19.89
H23 65U C . 3.91 -7.00 -18.51
H35 65U C . 1.64 -8.27 -11.93
C33 65U D . -10.11 7.02 8.63
C38 65U D . -9.72 9.43 7.29
C40 65U D . -10.96 8.81 7.26
C42 65U D . -11.16 7.63 7.95
C36 65U D . -8.68 8.86 8.00
C13 65U D . -10.19 11.41 18.93
C15 65U D . -10.51 10.08 18.65
C11 65U D . -9.10 11.69 19.72
C17 65U D . -11.50 9.20 16.64
C20 65U D . -10.47 8.07 16.53
C30 65U D . -10.35 5.80 9.49
C29 65U D . -10.35 6.11 10.94
C27 65U D . -10.02 7.19 11.67
C26 65U D . -10.23 6.84 12.99
C01 65U D . -10.18 6.81 20.12
N05 65U D . -10.09 7.67 18.96
C06 65U D . -9.74 9.04 19.16
C07 65U D . -8.65 9.35 19.97
C09 65U D . -8.32 10.66 20.22
O16 65U D . -11.63 9.91 17.88
N22 65U D . -10.62 7.31 15.31
C24 65U D . -9.99 7.69 14.18
O25 65U D . -9.28 8.70 14.11
C34 65U D . -8.88 7.67 8.69
O44 65U D . -10.72 5.11 11.77
N45 65U D . -10.64 5.59 13.12
C46 65U D . -10.53 7.17 17.77
O47 65U D . -10.91 6.01 17.67
H39 65U D . -9.57 10.33 6.72
H41 65U D . -11.76 9.23 6.67
H43 65U D . -12.12 7.15 7.92
H37 65U D . -7.73 9.35 8.03
H14 65U D . -10.80 12.21 18.54
H12 65U D . -8.83 12.71 19.91
H19 65U D . -12.47 8.80 16.36
H18 65U D . -11.26 9.93 15.86
H21 65U D . -9.47 8.50 16.48
H32 65U D . -9.55 5.08 9.29
H31 65U D . -11.31 5.36 9.23
H28 65U D . -9.66 8.14 11.29
H04 65U D . -9.67 5.86 19.93
H03 65U D . -9.78 7.27 21.03
H02 65U D . -11.25 6.61 20.27
H08 65U D . -8.02 8.57 20.37
H10 65U D . -7.45 10.89 20.81
H23 65U D . -11.20 6.48 15.33
H35 65U D . -8.08 7.25 9.27
#